data_1JS9
#
_entry.id   1JS9
#
_cell.length_a   269.244
_cell.length_b   269.244
_cell.length_c   638.136
_cell.angle_alpha   90.00
_cell.angle_beta   90.00
_cell.angle_gamma   120.00
#
_symmetry.space_group_name_H-M   'H 3'
#
loop_
_entity.id
_entity.type
_entity.pdbx_description
1 polymer 'Coat protein'
2 non-polymer 'MAGNESIUM ION'
3 non-polymer 'HEXAETHYLENE GLYCOL'
#
_entity_poly.entity_id   1
_entity_poly.type   'polypeptide(L)'
_entity_poly.pdbx_seq_one_letter_code
;MSTSGTGKMTRAQRRAAARRNRWTARVQPVIVEPLAAGQGKAIKAIAGYSISKWEASSDAITAKATNAMSITLPHELSSE
KNKELKVGRVLLWLGLLPSVAGRIKACVAEKQAQAEAAFQVALAVADSSKEVVAAMYTDAFRGATLGDLLNLQIYLYASE
AVPAKAVVVHLEVEHVRPTFDDFFTPVYR
;
_entity_poly.pdbx_strand_id   A,B,C
#
loop_
_chem_comp.id
_chem_comp.type
_chem_comp.name
_chem_comp.formula
MG non-polymer 'MAGNESIUM ION' 'Mg 2'
P6G non-polymer 'HEXAETHYLENE GLYCOL' 'C12 H26 O7'
#
# COMPACT_ATOMS: atom_id res chain seq x y z
N LYS A 41 11.41 -22.69 -30.32
CA LYS A 41 12.19 -22.53 -29.06
C LYS A 41 12.20 -21.06 -28.62
N ALA A 42 11.14 -20.66 -27.93
CA ALA A 42 10.99 -19.29 -27.42
C ALA A 42 10.51 -19.31 -25.97
N ILE A 43 9.88 -18.23 -25.51
CA ILE A 43 9.38 -18.11 -24.14
C ILE A 43 8.09 -17.26 -24.08
N LYS A 44 7.28 -17.45 -23.04
CA LYS A 44 6.04 -16.70 -22.89
C LYS A 44 5.80 -16.06 -21.52
N ALA A 45 4.97 -15.01 -21.52
CA ALA A 45 4.61 -14.29 -20.29
C ALA A 45 3.40 -14.96 -19.68
N ILE A 46 2.65 -14.23 -18.89
CA ILE A 46 1.49 -14.81 -18.24
C ILE A 46 0.21 -14.09 -18.66
N ALA A 47 -0.90 -14.59 -18.13
CA ALA A 47 -2.22 -14.02 -18.36
C ALA A 47 -2.31 -12.64 -17.71
N GLY A 48 -2.85 -11.68 -18.46
CA GLY A 48 -3.00 -10.33 -17.95
C GLY A 48 -1.76 -9.83 -17.26
N TYR A 49 -0.62 -10.36 -17.67
CA TYR A 49 0.63 -9.96 -17.10
C TYR A 49 1.50 -9.34 -18.16
N SER A 50 2.07 -8.19 -17.82
CA SER A 50 2.95 -7.48 -18.71
C SER A 50 4.37 -7.80 -18.25
N ILE A 51 5.33 -7.61 -19.13
CA ILE A 51 6.73 -7.83 -18.81
C ILE A 51 7.40 -6.52 -19.09
N SER A 52 7.62 -5.74 -18.06
CA SER A 52 8.26 -4.46 -18.27
C SER A 52 9.76 -4.64 -18.03
N LYS A 53 10.55 -4.22 -18.99
CA LYS A 53 12.00 -4.34 -18.89
C LYS A 53 12.65 -2.98 -19.05
N TRP A 54 13.94 -2.95 -18.80
CA TRP A 54 14.74 -1.75 -18.91
C TRP A 54 16.07 -2.08 -18.28
N GLU A 55 17.06 -1.23 -18.53
CA GLU A 55 18.39 -1.43 -18.01
C GLU A 55 18.88 -0.29 -17.12
N ALA A 56 19.97 -0.56 -16.43
CA ALA A 56 20.60 0.42 -15.57
C ALA A 56 22.11 0.35 -15.80
N SER A 57 22.71 1.48 -16.18
CA SER A 57 24.14 1.56 -16.44
C SER A 57 24.98 1.32 -15.17
N SER A 58 26.07 0.57 -15.31
CA SER A 58 26.94 0.25 -14.18
C SER A 58 27.76 1.44 -13.69
N ASP A 59 28.03 1.51 -12.40
CA ASP A 59 28.88 2.58 -11.91
C ASP A 59 30.20 1.86 -11.75
N ALA A 60 31.28 2.47 -12.21
CA ALA A 60 32.60 1.85 -12.11
C ALA A 60 32.74 1.17 -10.75
N ILE A 61 33.53 0.09 -10.70
CA ILE A 61 33.73 -0.62 -9.46
C ILE A 61 35.16 -1.06 -9.26
N THR A 62 35.46 -1.49 -8.04
CA THR A 62 36.78 -1.96 -7.70
C THR A 62 36.83 -3.46 -7.90
N ALA A 63 38.04 -4.01 -8.02
CA ALA A 63 38.21 -5.43 -8.22
C ALA A 63 37.89 -6.17 -6.94
N LYS A 64 37.38 -7.39 -7.07
CA LYS A 64 37.02 -8.23 -5.94
C LYS A 64 35.86 -7.71 -5.10
N ALA A 65 35.66 -6.39 -5.09
CA ALA A 65 34.56 -5.82 -4.34
C ALA A 65 33.26 -5.93 -5.15
N THR A 66 32.14 -5.82 -4.46
CA THR A 66 30.83 -5.90 -5.09
C THR A 66 29.94 -4.74 -4.64
N ASN A 67 29.45 -3.97 -5.62
CA ASN A 67 28.60 -2.82 -5.34
C ASN A 67 27.13 -3.23 -5.27
N ALA A 68 26.23 -2.24 -5.18
CA ALA A 68 24.79 -2.48 -5.12
C ALA A 68 24.07 -1.25 -5.66
N MET A 69 22.79 -1.39 -5.96
CA MET A 69 22.04 -0.25 -6.47
C MET A 69 20.57 -0.43 -6.27
N SER A 70 19.97 0.45 -5.47
CA SER A 70 18.54 0.36 -5.25
C SER A 70 17.97 0.32 -6.66
N ILE A 71 16.70 -0.04 -6.79
CA ILE A 71 16.12 -0.15 -8.11
C ILE A 71 15.61 1.08 -8.80
N THR A 72 16.12 1.26 -10.01
CA THR A 72 15.75 2.36 -10.86
C THR A 72 14.42 1.98 -11.50
N LEU A 73 13.35 2.07 -10.72
CA LEU A 73 12.02 1.74 -11.24
C LEU A 73 11.57 2.74 -12.29
N PRO A 74 10.81 2.26 -13.30
CA PRO A 74 10.30 3.12 -14.39
C PRO A 74 9.17 4.02 -13.92
N HIS A 75 9.37 5.32 -14.08
CA HIS A 75 8.38 6.32 -13.68
C HIS A 75 6.94 5.91 -13.96
N GLU A 76 6.69 5.48 -15.19
CA GLU A 76 5.36 5.07 -15.62
C GLU A 76 4.63 4.22 -14.59
N LEU A 77 5.40 3.51 -13.75
CA LEU A 77 4.82 2.64 -12.73
C LEU A 77 5.21 3.05 -11.32
N SER A 78 5.74 4.26 -11.19
CA SER A 78 6.15 4.77 -9.89
C SER A 78 4.94 5.32 -9.15
N SER A 79 3.78 5.30 -9.81
CA SER A 79 2.53 5.79 -9.21
C SER A 79 2.11 4.82 -8.14
N GLU A 80 1.96 5.31 -6.90
CA GLU A 80 1.55 4.46 -5.79
C GLU A 80 0.42 3.57 -6.27
N LYS A 81 -0.34 4.09 -7.23
CA LYS A 81 -1.47 3.39 -7.84
C LYS A 81 -1.06 1.99 -8.32
N ASN A 82 -0.21 1.92 -9.35
CA ASN A 82 0.27 0.64 -9.86
C ASN A 82 1.54 0.26 -9.11
N LYS A 83 2.15 1.24 -8.45
CA LYS A 83 3.35 0.97 -7.67
C LYS A 83 2.98 -0.10 -6.66
N GLU A 84 1.68 -0.24 -6.40
CA GLU A 84 1.16 -1.25 -5.48
C GLU A 84 0.48 -2.33 -6.33
N LEU A 85 1.21 -2.83 -7.32
CA LEU A 85 0.72 -3.87 -8.23
C LEU A 85 1.35 -5.19 -7.87
N LYS A 86 0.87 -6.26 -8.49
CA LYS A 86 1.40 -7.59 -8.23
C LYS A 86 2.42 -8.01 -9.29
N VAL A 87 3.54 -8.56 -8.84
CA VAL A 87 4.60 -9.01 -9.74
C VAL A 87 4.51 -10.51 -9.97
N GLY A 88 5.25 -10.99 -10.97
CA GLY A 88 5.29 -12.42 -11.28
C GLY A 88 6.72 -12.90 -11.23
N ARG A 89 7.04 -13.88 -12.06
CA ARG A 89 8.40 -14.38 -12.10
C ARG A 89 9.20 -13.31 -12.85
N VAL A 90 10.45 -13.11 -12.43
CA VAL A 90 11.26 -12.07 -13.04
C VAL A 90 12.72 -12.46 -13.20
N LEU A 91 13.34 -11.95 -14.27
CA LEU A 91 14.72 -12.26 -14.55
C LEU A 91 15.59 -11.05 -14.87
N LEU A 92 16.89 -11.21 -14.58
CA LEU A 92 17.90 -10.19 -14.82
C LEU A 92 19.03 -10.81 -15.63
N TRP A 93 19.50 -10.07 -16.61
CA TRP A 93 20.59 -10.52 -17.45
C TRP A 93 21.40 -9.27 -17.70
N LEU A 94 22.55 -9.40 -18.34
CA LEU A 94 23.41 -8.23 -18.54
C LEU A 94 24.24 -8.12 -19.79
N GLY A 95 24.10 -6.99 -20.47
CA GLY A 95 24.88 -6.75 -21.67
C GLY A 95 26.10 -5.97 -21.20
N LEU A 96 27.26 -6.34 -21.71
CA LEU A 96 28.48 -5.66 -21.32
C LEU A 96 29.48 -5.66 -22.45
N LEU A 97 30.36 -4.66 -22.46
CA LEU A 97 31.33 -4.57 -23.51
C LEU A 97 31.98 -5.93 -23.68
N PRO A 98 32.47 -6.21 -24.90
CA PRO A 98 33.12 -7.50 -25.16
C PRO A 98 34.41 -7.55 -24.37
N SER A 99 35.22 -6.52 -24.63
CA SER A 99 36.51 -6.31 -24.02
C SER A 99 36.34 -6.06 -22.53
N VAL A 100 36.09 -7.11 -21.76
CA VAL A 100 35.91 -6.93 -20.33
C VAL A 100 36.68 -7.94 -19.46
N ALA A 101 37.13 -7.45 -18.31
CA ALA A 101 37.92 -8.20 -17.32
C ALA A 101 37.53 -9.65 -17.01
N GLY A 102 38.04 -10.14 -15.89
CA GLY A 102 37.76 -11.51 -15.47
C GLY A 102 36.29 -11.79 -15.27
N ARG A 103 35.91 -13.05 -15.42
CA ARG A 103 34.53 -13.48 -15.26
C ARG A 103 33.98 -13.06 -13.88
N ILE A 104 32.86 -12.34 -13.91
CA ILE A 104 32.20 -11.87 -12.69
C ILE A 104 30.72 -12.26 -12.66
N LYS A 105 30.10 -12.08 -11.50
CA LYS A 105 28.69 -12.47 -11.35
C LYS A 105 27.82 -11.36 -10.76
N ALA A 106 26.52 -11.64 -10.59
CA ALA A 106 25.54 -10.69 -10.05
C ALA A 106 24.14 -11.27 -9.78
N CYS A 107 23.50 -10.76 -8.72
CA CYS A 107 22.17 -11.22 -8.31
C CYS A 107 21.32 -10.10 -7.71
N VAL A 108 20.37 -10.49 -6.85
CA VAL A 108 19.46 -9.55 -6.19
C VAL A 108 18.74 -10.15 -4.99
N ALA A 109 18.73 -9.39 -3.90
CA ALA A 109 18.08 -9.79 -2.65
C ALA A 109 17.68 -8.58 -1.82
N GLU A 110 16.90 -8.83 -0.77
CA GLU A 110 16.43 -7.78 0.13
C GLU A 110 17.58 -6.86 0.47
N LYS A 111 17.28 -5.60 0.75
CA LYS A 111 18.30 -4.61 1.11
C LYS A 111 19.30 -5.30 2.05
N GLN A 112 20.27 -5.99 1.46
CA GLN A 112 21.28 -6.75 2.18
C GLN A 112 22.31 -5.89 2.91
N ALA A 113 22.45 -6.13 4.20
CA ALA A 113 23.40 -5.40 5.04
C ALA A 113 24.82 -5.64 4.56
N GLN A 114 25.08 -6.87 4.13
CA GLN A 114 26.40 -7.22 3.63
C GLN A 114 26.34 -7.43 2.12
N ALA A 115 26.96 -6.51 1.40
CA ALA A 115 26.99 -6.54 -0.06
C ALA A 115 27.40 -7.90 -0.61
N GLU A 116 28.49 -8.44 -0.06
CA GLU A 116 29.02 -9.73 -0.49
C GLU A 116 28.12 -10.90 -0.12
N ALA A 117 27.52 -10.81 1.07
CA ALA A 117 26.64 -11.87 1.58
C ALA A 117 25.36 -12.04 0.77
N ALA A 118 25.01 -11.03 -0.01
CA ALA A 118 23.81 -11.11 -0.83
C ALA A 118 23.91 -12.27 -1.81
N PHE A 119 25.13 -12.75 -2.05
CA PHE A 119 25.34 -13.84 -2.99
C PHE A 119 25.21 -15.23 -2.39
N GLN A 120 25.01 -15.27 -1.07
CA GLN A 120 24.85 -16.53 -0.35
C GLN A 120 23.37 -16.81 -0.20
N VAL A 121 22.57 -15.75 -0.27
CA VAL A 121 21.13 -15.89 -0.15
C VAL A 121 20.44 -15.69 -1.49
N ALA A 122 21.20 -15.30 -2.50
CA ALA A 122 20.64 -15.07 -3.84
C ALA A 122 19.92 -16.32 -4.32
N LEU A 123 18.76 -16.12 -4.91
CA LEU A 123 17.91 -17.19 -5.43
C LEU A 123 18.46 -17.78 -6.72
N ALA A 124 18.95 -16.92 -7.58
CA ALA A 124 19.55 -17.33 -8.85
C ALA A 124 20.60 -16.28 -9.09
N VAL A 125 21.56 -16.56 -9.95
CA VAL A 125 22.59 -15.58 -10.19
C VAL A 125 23.11 -15.58 -11.61
N ALA A 126 23.34 -14.37 -12.11
CA ALA A 126 23.87 -14.20 -13.44
C ALA A 126 25.39 -14.35 -13.40
N ASP A 127 25.88 -15.49 -13.85
CA ASP A 127 27.31 -15.72 -13.85
C ASP A 127 27.86 -15.50 -15.26
N SER A 128 29.09 -15.01 -15.34
CA SER A 128 29.73 -14.76 -16.62
C SER A 128 30.44 -16.02 -17.08
N SER A 129 30.91 -16.81 -16.11
CA SER A 129 31.58 -18.07 -16.40
C SER A 129 30.62 -19.06 -17.04
N LYS A 130 29.34 -18.91 -16.69
CA LYS A 130 28.29 -19.78 -17.21
C LYS A 130 27.96 -19.40 -18.65
N GLU A 131 27.28 -20.28 -19.36
CA GLU A 131 26.91 -20.02 -20.74
C GLU A 131 25.68 -19.13 -20.75
N VAL A 132 25.02 -19.08 -19.60
CA VAL A 132 23.83 -18.28 -19.38
C VAL A 132 24.14 -17.15 -18.39
N VAL A 133 24.37 -15.96 -18.92
CA VAL A 133 24.68 -14.82 -18.08
C VAL A 133 23.39 -14.15 -17.63
N ALA A 134 22.66 -14.85 -16.77
CA ALA A 134 21.40 -14.34 -16.25
C ALA A 134 20.89 -15.24 -15.15
N ALA A 135 19.90 -14.72 -14.42
CA ALA A 135 19.29 -15.42 -13.31
C ALA A 135 17.75 -15.35 -13.41
N MET A 136 17.09 -16.49 -13.18
CA MET A 136 15.64 -16.58 -13.24
C MET A 136 14.99 -16.59 -11.85
N TYR A 137 14.27 -15.53 -11.54
CA TYR A 137 13.61 -15.44 -10.25
C TYR A 137 12.12 -15.77 -10.39
N THR A 138 11.90 -17.01 -10.86
CA THR A 138 10.57 -17.55 -11.07
C THR A 138 9.99 -17.82 -9.71
N ASP A 139 8.70 -17.50 -9.54
CA ASP A 139 8.01 -17.73 -8.27
C ASP A 139 8.81 -17.32 -7.04
N ALA A 140 9.95 -16.70 -7.24
CA ALA A 140 10.79 -16.27 -6.13
C ALA A 140 10.20 -15.01 -5.56
N PHE A 141 9.54 -14.25 -6.43
CA PHE A 141 8.93 -13.00 -6.05
C PHE A 141 7.51 -12.99 -6.51
N ARG A 142 7.16 -14.01 -7.27
CA ARG A 142 5.81 -14.17 -7.77
C ARG A 142 4.87 -13.71 -6.65
N GLY A 143 4.17 -12.61 -6.91
CA GLY A 143 3.22 -12.07 -5.94
C GLY A 143 3.78 -11.08 -4.94
N ALA A 144 4.19 -9.91 -5.43
CA ALA A 144 4.74 -8.90 -4.52
C ALA A 144 4.52 -7.49 -5.05
N THR A 145 4.36 -6.55 -4.12
CA THR A 145 4.14 -5.15 -4.46
C THR A 145 5.16 -4.70 -5.49
N LEU A 146 4.68 -4.12 -6.57
CA LEU A 146 5.56 -3.63 -7.62
C LEU A 146 6.48 -2.60 -6.98
N GLY A 147 6.06 -2.06 -5.84
CA GLY A 147 6.87 -1.07 -5.17
C GLY A 147 7.69 -1.68 -4.06
N ASP A 148 7.54 -2.98 -3.88
CA ASP A 148 8.26 -3.69 -2.83
C ASP A 148 9.74 -3.64 -3.18
N LEU A 149 10.08 -4.30 -4.27
CA LEU A 149 11.44 -4.38 -4.78
C LEU A 149 12.29 -3.16 -4.45
N LEU A 150 11.71 -1.96 -4.54
CA LEU A 150 12.45 -0.75 -4.26
C LEU A 150 13.33 -0.91 -3.04
N ASN A 151 12.76 -1.43 -1.96
CA ASN A 151 13.51 -1.69 -0.74
C ASN A 151 14.18 -3.02 -0.98
N LEU A 152 15.08 -3.03 -1.96
CA LEU A 152 15.77 -4.25 -2.33
C LEU A 152 16.70 -3.92 -3.50
N GLN A 153 17.99 -3.89 -3.20
CA GLN A 153 19.02 -3.58 -4.18
C GLN A 153 19.43 -4.78 -5.04
N ILE A 154 20.40 -4.52 -5.90
CA ILE A 154 20.94 -5.52 -6.80
C ILE A 154 22.43 -5.57 -6.58
N TYR A 155 23.00 -6.78 -6.55
CA TYR A 155 24.42 -6.92 -6.28
C TYR A 155 25.25 -7.42 -7.46
N LEU A 156 26.45 -6.85 -7.60
CA LEU A 156 27.39 -7.20 -8.67
C LEU A 156 28.84 -7.26 -8.18
N TYR A 157 29.53 -8.35 -8.51
CA TYR A 157 30.92 -8.51 -8.09
C TYR A 157 31.80 -8.59 -9.33
N ALA A 158 33.08 -8.25 -9.17
CA ALA A 158 34.01 -8.27 -10.29
C ALA A 158 35.39 -8.79 -9.92
N SER A 159 35.95 -9.58 -10.83
CA SER A 159 37.29 -10.12 -10.63
C SER A 159 38.25 -8.93 -10.67
N GLU A 160 38.23 -8.19 -11.77
CA GLU A 160 39.11 -7.03 -11.92
C GLU A 160 38.29 -5.75 -11.85
N ALA A 161 38.85 -4.73 -11.20
CA ALA A 161 38.16 -3.45 -11.08
C ALA A 161 37.67 -3.08 -12.46
N VAL A 162 36.66 -2.22 -12.54
CA VAL A 162 36.16 -1.85 -13.84
C VAL A 162 35.32 -0.59 -13.93
N PRO A 163 35.44 0.13 -15.07
CA PRO A 163 34.77 1.39 -15.45
C PRO A 163 33.28 1.49 -15.20
N ALA A 164 32.78 2.69 -15.38
CA ALA A 164 31.36 2.99 -15.21
C ALA A 164 30.72 2.85 -16.57
N LYS A 165 29.40 2.73 -16.59
CA LYS A 165 28.66 2.56 -17.84
C LYS A 165 29.45 1.50 -18.63
N ALA A 166 30.24 0.72 -17.88
CA ALA A 166 31.08 -0.32 -18.44
C ALA A 166 30.25 -1.56 -18.73
N VAL A 167 29.08 -1.61 -18.14
CA VAL A 167 28.15 -2.72 -18.34
C VAL A 167 26.77 -2.34 -17.87
N VAL A 168 25.76 -2.81 -18.59
CA VAL A 168 24.39 -2.54 -18.25
C VAL A 168 23.79 -3.85 -17.78
N VAL A 169 22.54 -3.79 -17.36
CA VAL A 169 21.85 -4.98 -16.89
C VAL A 169 20.38 -4.73 -17.12
N HIS A 170 19.73 -5.71 -17.69
CA HIS A 170 18.33 -5.56 -17.99
C HIS A 170 17.51 -6.39 -17.05
N LEU A 171 16.30 -5.90 -16.80
CA LEU A 171 15.37 -6.53 -15.91
C LEU A 171 14.05 -6.79 -16.57
N GLU A 172 13.85 -8.03 -16.97
CA GLU A 172 12.61 -8.42 -17.60
C GLU A 172 11.73 -8.88 -16.44
N VAL A 173 10.73 -8.06 -16.11
CA VAL A 173 9.86 -8.38 -14.99
C VAL A 173 8.40 -8.55 -15.31
N GLU A 174 7.86 -9.65 -14.79
CA GLU A 174 6.46 -9.94 -14.96
C GLU A 174 5.73 -9.18 -13.88
N HIS A 175 4.60 -8.62 -14.27
CA HIS A 175 3.77 -7.86 -13.36
C HIS A 175 2.45 -7.72 -14.09
N VAL A 176 1.38 -7.58 -13.33
CA VAL A 176 0.07 -7.45 -13.95
C VAL A 176 -0.01 -6.15 -14.74
N ARG A 177 -0.55 -6.18 -15.95
CA ARG A 177 -0.66 -4.94 -16.71
C ARG A 177 -1.66 -4.09 -15.91
N PRO A 178 -1.48 -2.76 -15.87
CA PRO A 178 -2.42 -1.92 -15.11
C PRO A 178 -3.72 -1.56 -15.84
N THR A 179 -4.21 -0.34 -15.61
CA THR A 179 -5.45 0.10 -16.24
C THR A 179 -5.30 0.93 -17.51
N PHE A 180 -5.06 2.23 -17.34
CA PHE A 180 -4.92 3.17 -18.45
C PHE A 180 -4.45 2.54 -19.75
N ASP A 181 -3.50 1.63 -19.64
CA ASP A 181 -2.92 0.92 -20.77
C ASP A 181 -3.59 1.20 -22.13
N ASP A 182 -4.90 1.10 -22.20
CA ASP A 182 -5.61 1.33 -23.45
C ASP A 182 -6.68 2.43 -23.54
N PHE A 183 -6.43 3.59 -22.95
CA PHE A 183 -7.38 4.70 -23.04
C PHE A 183 -6.77 6.03 -22.59
N PHE A 184 -6.99 7.07 -23.39
CA PHE A 184 -6.44 8.40 -23.14
C PHE A 184 -6.77 9.03 -21.81
N THR A 185 -6.25 10.24 -21.64
CA THR A 185 -6.45 11.00 -20.41
C THR A 185 -7.49 12.09 -20.60
N PRO A 186 -8.33 12.33 -19.58
CA PRO A 186 -9.34 13.38 -19.70
C PRO A 186 -8.66 14.70 -20.07
N VAL A 187 -9.08 15.29 -21.18
CA VAL A 187 -8.52 16.55 -21.62
C VAL A 187 -8.82 17.62 -20.59
N TYR A 188 -9.93 17.45 -19.88
CA TYR A 188 -10.31 18.41 -18.87
C TYR A 188 -9.44 18.28 -17.65
N ARG A 189 -8.53 19.22 -17.53
CA ARG A 189 -7.58 19.27 -16.43
C ARG A 189 -7.80 20.57 -15.68
N ALA B 25 -40.53 -24.25 31.04
CA ALA B 25 -39.14 -24.68 30.71
C ALA B 25 -38.51 -25.44 31.86
N ARG B 26 -38.86 -26.73 32.01
CA ARG B 26 -38.31 -27.56 33.08
C ARG B 26 -36.80 -27.44 33.12
N VAL B 27 -36.26 -27.47 34.34
CA VAL B 27 -34.82 -27.35 34.51
C VAL B 27 -34.06 -28.52 33.90
N GLN B 28 -32.83 -28.25 33.52
CA GLN B 28 -31.99 -29.26 32.91
C GLN B 28 -31.00 -29.81 33.92
N PRO B 29 -31.20 -31.07 34.32
CA PRO B 29 -30.29 -31.68 35.28
C PRO B 29 -29.01 -31.90 34.51
N VAL B 30 -28.03 -31.04 34.71
CA VAL B 30 -26.78 -31.13 33.97
C VAL B 30 -25.59 -31.52 34.84
N ILE B 31 -24.42 -31.63 34.21
CA ILE B 31 -23.21 -31.97 34.94
C ILE B 31 -21.91 -31.52 34.27
N VAL B 32 -21.31 -30.48 34.84
CA VAL B 32 -20.05 -29.96 34.34
C VAL B 32 -19.00 -31.03 34.45
N GLU B 33 -18.43 -31.41 33.32
CA GLU B 33 -17.40 -32.42 33.36
C GLU B 33 -16.06 -31.73 33.59
N PRO B 34 -15.15 -32.40 34.33
CA PRO B 34 -13.82 -31.89 34.64
C PRO B 34 -12.89 -31.87 33.44
N LEU B 35 -12.25 -30.72 33.25
CA LEU B 35 -11.33 -30.48 32.15
C LEU B 35 -9.89 -30.55 32.67
N ALA B 36 -9.06 -31.39 32.08
CA ALA B 36 -7.67 -31.54 32.51
C ALA B 36 -6.67 -30.93 31.53
N ALA B 37 -5.79 -30.09 32.07
CA ALA B 37 -4.77 -29.39 31.29
C ALA B 37 -4.51 -29.95 29.89
N GLY B 38 -4.55 -29.07 28.90
CA GLY B 38 -4.32 -29.44 27.50
C GLY B 38 -5.42 -30.20 26.80
N GLN B 39 -6.53 -30.36 27.51
CA GLN B 39 -7.69 -31.08 27.00
C GLN B 39 -8.54 -30.22 26.07
N GLY B 40 -9.27 -30.90 25.18
CA GLY B 40 -10.14 -30.24 24.22
C GLY B 40 -9.62 -28.90 23.77
N LYS B 41 -10.53 -27.96 23.54
CA LYS B 41 -10.15 -26.62 23.11
C LYS B 41 -9.46 -26.66 21.76
N ALA B 42 -9.84 -27.61 20.92
CA ALA B 42 -9.24 -27.70 19.59
C ALA B 42 -9.56 -26.41 18.88
N ILE B 43 -8.59 -25.80 18.22
CA ILE B 43 -8.88 -24.54 17.53
C ILE B 43 -8.69 -24.57 16.03
N LYS B 44 -9.74 -25.00 15.34
CA LYS B 44 -9.73 -25.10 13.89
C LYS B 44 -9.25 -23.80 13.26
N ALA B 45 -8.51 -23.91 12.17
CA ALA B 45 -7.99 -22.75 11.45
C ALA B 45 -8.93 -22.51 10.29
N ILE B 46 -8.90 -21.30 9.71
CA ILE B 46 -9.78 -20.99 8.60
C ILE B 46 -9.26 -21.53 7.27
N ALA B 47 -10.12 -21.53 6.25
CA ALA B 47 -9.78 -22.03 4.92
C ALA B 47 -8.86 -21.13 4.11
N GLY B 48 -7.84 -21.74 3.49
CA GLY B 48 -6.89 -20.99 2.70
C GLY B 48 -5.94 -20.25 3.61
N TYR B 49 -6.49 -19.81 4.73
CA TYR B 49 -5.73 -19.09 5.73
C TYR B 49 -4.96 -20.11 6.56
N SER B 50 -3.66 -20.22 6.32
CA SER B 50 -2.84 -21.14 7.09
C SER B 50 -2.28 -20.43 8.30
N ILE B 51 -2.14 -21.14 9.41
CA ILE B 51 -1.60 -20.54 10.61
C ILE B 51 -0.16 -21.02 10.83
N SER B 52 0.70 -20.06 11.17
CA SER B 52 2.10 -20.33 11.43
C SER B 52 2.49 -19.53 12.67
N LYS B 53 3.31 -20.12 13.52
CA LYS B 53 3.71 -19.44 14.73
C LYS B 53 5.15 -19.70 15.11
N TRP B 54 5.52 -19.13 16.25
CA TRP B 54 6.85 -19.27 16.79
C TRP B 54 6.86 -18.52 18.10
N GLU B 55 8.03 -18.00 18.48
CA GLU B 55 8.13 -17.28 19.74
C GLU B 55 9.42 -16.49 19.91
N ALA B 56 9.32 -15.49 20.79
CA ALA B 56 10.45 -14.65 21.12
C ALA B 56 10.71 -14.93 22.59
N SER B 57 11.97 -15.13 22.94
CA SER B 57 12.31 -15.39 24.33
C SER B 57 12.47 -14.05 25.04
N SER B 58 11.88 -13.94 26.22
CA SER B 58 11.93 -12.71 26.99
C SER B 58 13.35 -12.22 27.23
N ASP B 59 13.45 -10.93 27.51
CA ASP B 59 14.73 -10.31 27.83
C ASP B 59 14.43 -9.95 29.28
N ALA B 60 15.46 -9.90 30.11
CA ALA B 60 15.25 -9.60 31.51
C ALA B 60 14.34 -8.40 31.68
N ILE B 61 13.40 -8.52 32.60
CA ILE B 61 12.46 -7.42 32.88
C ILE B 61 12.63 -7.00 34.33
N THR B 62 12.40 -5.72 34.60
CA THR B 62 12.52 -5.21 35.95
C THR B 62 11.20 -5.40 36.68
N ALA B 63 11.15 -4.99 37.93
CA ALA B 63 9.93 -5.12 38.72
C ALA B 63 8.86 -4.10 38.32
N LYS B 64 7.70 -4.61 37.91
CA LYS B 64 6.56 -3.80 37.52
C LYS B 64 6.71 -3.06 36.18
N ALA B 65 7.93 -3.01 35.67
CA ALA B 65 8.16 -2.34 34.40
C ALA B 65 7.71 -3.29 33.29
N THR B 66 7.52 -2.73 32.09
CA THR B 66 7.08 -3.53 30.94
C THR B 66 7.93 -3.32 29.68
N ASN B 67 8.66 -4.36 29.29
CA ASN B 67 9.51 -4.31 28.10
C ASN B 67 8.64 -4.38 26.86
N ALA B 68 9.28 -4.51 25.69
CA ALA B 68 8.56 -4.62 24.42
C ALA B 68 9.54 -4.97 23.33
N MET B 69 9.19 -5.94 22.50
CA MET B 69 10.06 -6.35 21.39
C MET B 69 9.32 -6.18 20.08
N SER B 70 10.01 -5.63 19.08
CA SER B 70 9.38 -5.47 17.79
C SER B 70 9.02 -6.90 17.43
N ILE B 71 8.20 -7.07 16.41
CA ILE B 71 7.83 -8.40 16.04
C ILE B 71 9.02 -9.20 15.57
N THR B 72 9.28 -10.24 16.34
CA THR B 72 10.38 -11.14 16.10
C THR B 72 10.08 -12.02 14.87
N LEU B 73 9.44 -11.45 13.85
CA LEU B 73 9.08 -12.22 12.66
C LEU B 73 10.13 -13.23 12.23
N PRO B 74 9.68 -14.41 11.74
CA PRO B 74 10.61 -15.46 11.29
C PRO B 74 11.02 -15.24 9.84
N HIS B 75 12.28 -15.50 9.54
CA HIS B 75 12.81 -15.34 8.18
C HIS B 75 12.04 -16.17 7.16
N GLU B 76 11.53 -17.31 7.61
CA GLU B 76 10.78 -18.20 6.74
C GLU B 76 9.78 -17.44 5.86
N LEU B 77 9.22 -16.37 6.42
CA LEU B 77 8.25 -15.57 5.68
C LEU B 77 8.69 -14.10 5.71
N SER B 78 9.91 -13.87 5.26
CA SER B 78 10.46 -12.53 5.22
C SER B 78 10.43 -12.06 3.77
N SER B 79 10.38 -13.00 2.84
CA SER B 79 10.36 -12.65 1.42
C SER B 79 9.27 -11.63 1.16
N GLU B 80 9.63 -10.55 0.47
CA GLU B 80 8.66 -9.53 0.16
C GLU B 80 7.45 -10.22 -0.45
N LYS B 81 7.69 -11.34 -1.12
CA LYS B 81 6.62 -12.11 -1.74
C LYS B 81 5.55 -12.40 -0.67
N ASN B 82 5.94 -13.14 0.37
CA ASN B 82 5.00 -13.49 1.44
C ASN B 82 4.93 -12.42 2.53
N LYS B 83 5.98 -11.64 2.69
CA LYS B 83 5.98 -10.57 3.70
C LYS B 83 4.86 -9.59 3.39
N GLU B 84 4.49 -9.54 2.11
CA GLU B 84 3.42 -8.66 1.66
C GLU B 84 2.14 -9.47 1.68
N LEU B 85 1.86 -10.09 2.82
CA LEU B 85 0.66 -10.90 3.00
C LEU B 85 -0.28 -10.23 3.98
N LYS B 86 -1.36 -10.93 4.34
CA LYS B 86 -2.35 -10.41 5.28
C LYS B 86 -2.58 -11.41 6.39
N VAL B 87 -3.29 -11.00 7.43
CA VAL B 87 -3.54 -11.87 8.57
C VAL B 87 -4.99 -11.92 8.99
N GLY B 88 -5.21 -12.32 10.24
CA GLY B 88 -6.55 -12.40 10.80
C GLY B 88 -6.51 -12.60 12.31
N ARG B 89 -6.87 -13.82 12.71
CA ARG B 89 -6.86 -14.18 14.11
C ARG B 89 -5.42 -14.36 14.51
N VAL B 90 -5.12 -13.98 15.75
CA VAL B 90 -3.76 -14.10 16.24
C VAL B 90 -3.72 -14.34 17.73
N LEU B 91 -3.19 -15.50 18.08
CA LEU B 91 -3.07 -15.92 19.45
C LEU B 91 -1.77 -15.45 20.06
N LEU B 92 -1.66 -15.61 21.37
CA LEU B 92 -0.49 -15.19 22.08
C LEU B 92 -0.60 -15.79 23.47
N TRP B 93 0.25 -16.76 23.75
CA TRP B 93 0.26 -17.38 25.05
C TRP B 93 1.72 -17.42 25.46
N LEU B 94 2.00 -17.88 26.67
CA LEU B 94 3.37 -17.90 27.12
C LEU B 94 3.75 -19.03 28.04
N GLY B 95 5.04 -19.36 28.00
CA GLY B 95 5.58 -20.41 28.83
C GLY B 95 6.55 -19.75 29.80
N LEU B 96 6.37 -20.06 31.08
CA LEU B 96 7.23 -19.50 32.11
C LEU B 96 7.67 -20.62 33.01
N LEU B 97 8.88 -20.51 33.55
CA LEU B 97 9.39 -21.55 34.41
C LEU B 97 8.49 -21.75 35.61
N PRO B 98 8.46 -22.99 36.15
CA PRO B 98 7.64 -23.31 37.31
C PRO B 98 7.93 -22.33 38.44
N SER B 99 9.18 -21.88 38.49
CA SER B 99 9.63 -20.94 39.50
C SER B 99 9.16 -19.53 39.11
N VAL B 100 7.97 -19.45 38.53
CA VAL B 100 7.39 -18.18 38.11
C VAL B 100 7.33 -17.17 39.25
N ALA B 101 7.99 -16.04 39.07
CA ALA B 101 8.03 -14.98 40.08
C ALA B 101 6.76 -14.14 40.12
N GLY B 102 5.82 -14.52 40.98
CA GLY B 102 4.59 -13.77 41.11
C GLY B 102 3.70 -13.84 39.88
N ARG B 103 3.41 -12.70 39.29
CA ARG B 103 2.54 -12.65 38.12
C ARG B 103 2.97 -11.62 37.09
N ILE B 104 2.54 -11.85 35.84
CA ILE B 104 2.84 -10.98 34.72
C ILE B 104 1.72 -10.95 33.66
N LYS B 105 1.60 -9.80 32.99
CA LYS B 105 0.60 -9.61 31.95
C LYS B 105 1.33 -9.31 30.63
N ALA B 106 0.70 -9.63 29.52
CA ALA B 106 1.30 -9.40 28.19
C ALA B 106 0.28 -9.06 27.11
N CYS B 107 0.75 -8.41 26.05
CA CYS B 107 -0.14 -8.02 24.95
C CYS B 107 0.62 -7.45 23.75
N VAL B 108 -0.12 -6.77 22.87
CA VAL B 108 0.48 -6.16 21.69
C VAL B 108 -0.36 -5.05 21.04
N ALA B 109 0.33 -3.95 20.69
CA ALA B 109 -0.27 -2.79 20.08
C ALA B 109 0.66 -2.12 19.08
N GLU B 110 0.15 -1.06 18.45
CA GLU B 110 0.90 -0.31 17.45
C GLU B 110 2.09 0.45 18.03
N LYS B 111 3.30 -0.07 17.78
CA LYS B 111 4.55 0.52 18.26
C LYS B 111 4.23 1.61 19.27
N GLN B 112 3.58 1.20 20.36
CA GLN B 112 3.18 2.09 21.43
C GLN B 112 4.23 3.10 21.85
N ALA B 113 3.90 4.38 21.74
CA ALA B 113 4.82 5.45 22.12
C ALA B 113 5.23 5.19 23.56
N GLN B 114 4.24 5.03 24.42
CA GLN B 114 4.49 4.75 25.81
C GLN B 114 4.39 3.23 25.95
N ALA B 115 5.35 2.64 26.65
CA ALA B 115 5.39 1.20 26.85
C ALA B 115 4.14 0.63 27.53
N GLU B 116 3.88 1.08 28.76
CA GLU B 116 2.74 0.63 29.53
C GLU B 116 1.42 1.03 28.87
N ALA B 117 1.49 1.99 27.97
CA ALA B 117 0.32 2.51 27.26
C ALA B 117 -0.37 1.44 26.44
N ALA B 118 0.38 0.40 26.09
CA ALA B 118 -0.15 -0.69 25.30
C ALA B 118 -1.27 -1.42 26.05
N PHE B 119 -1.05 -1.68 27.33
CA PHE B 119 -2.03 -2.39 28.16
C PHE B 119 -3.32 -1.60 28.34
N GLN B 120 -3.25 -0.31 28.06
CA GLN B 120 -4.42 0.55 28.19
C GLN B 120 -5.23 0.53 26.92
N VAL B 121 -4.98 -0.42 26.03
CA VAL B 121 -5.73 -0.39 24.80
C VAL B 121 -5.73 -1.63 23.89
N ALA B 122 -5.21 -2.77 24.35
CA ALA B 122 -5.22 -3.96 23.49
C ALA B 122 -6.54 -4.71 23.66
N LEU B 123 -6.98 -5.40 22.60
CA LEU B 123 -8.24 -6.14 22.67
C LEU B 123 -8.15 -7.34 23.64
N ALA B 124 -6.97 -7.93 23.74
CA ALA B 124 -6.73 -9.08 24.62
C ALA B 124 -5.42 -8.93 25.38
N VAL B 125 -5.24 -9.80 26.38
CA VAL B 125 -4.04 -9.77 27.19
C VAL B 125 -3.91 -11.01 28.08
N ALA B 126 -2.87 -11.79 27.81
CA ALA B 126 -2.60 -12.99 28.57
C ALA B 126 -2.15 -12.57 29.97
N ASP B 127 -2.55 -13.33 30.97
CA ASP B 127 -2.18 -13.02 32.34
C ASP B 127 -1.88 -14.34 33.06
N SER B 128 -1.03 -14.27 34.09
CA SER B 128 -0.63 -15.46 34.84
C SER B 128 -1.61 -15.85 35.94
N SER B 129 -2.62 -15.02 36.15
CA SER B 129 -3.61 -15.30 37.17
C SER B 129 -4.86 -15.84 36.50
N LYS B 130 -4.75 -16.08 35.19
CA LYS B 130 -5.86 -16.60 34.41
C LYS B 130 -5.67 -18.10 34.23
N GLU B 131 -6.78 -18.85 34.26
CA GLU B 131 -6.73 -20.30 34.09
C GLU B 131 -5.94 -20.57 32.80
N VAL B 132 -6.31 -19.83 31.76
CA VAL B 132 -5.68 -19.95 30.47
C VAL B 132 -4.84 -18.70 30.26
N VAL B 133 -3.53 -18.84 30.42
CA VAL B 133 -2.63 -17.71 30.25
C VAL B 133 -2.33 -17.50 28.77
N ALA B 134 -3.23 -16.78 28.11
CA ALA B 134 -3.10 -16.50 26.69
C ALA B 134 -4.06 -15.41 26.26
N ALA B 135 -3.77 -14.77 25.13
CA ALA B 135 -4.58 -13.69 24.59
C ALA B 135 -4.95 -13.92 23.13
N MET B 136 -6.24 -13.78 22.84
CA MET B 136 -6.73 -13.97 21.48
C MET B 136 -7.07 -12.65 20.79
N TYR B 137 -6.28 -12.31 19.78
CA TYR B 137 -6.54 -11.09 19.04
C TYR B 137 -7.40 -11.41 17.82
N THR B 138 -8.64 -11.72 18.16
CA THR B 138 -9.70 -12.08 17.24
C THR B 138 -9.95 -11.02 16.19
N ASP B 139 -9.53 -11.31 14.96
CA ASP B 139 -9.75 -10.39 13.85
C ASP B 139 -9.21 -8.96 14.01
N ALA B 140 -8.90 -8.58 15.24
CA ALA B 140 -8.40 -7.24 15.52
C ALA B 140 -7.28 -6.77 14.58
N PHE B 141 -6.70 -7.71 13.82
CA PHE B 141 -5.63 -7.37 12.90
C PHE B 141 -5.90 -7.89 11.52
N ARG B 142 -7.09 -8.46 11.36
CA ARG B 142 -7.52 -9.01 10.10
C ARG B 142 -7.21 -8.03 8.98
N GLY B 143 -6.66 -8.57 7.88
CA GLY B 143 -6.34 -7.75 6.72
C GLY B 143 -5.15 -6.84 6.84
N ALA B 144 -4.12 -7.30 7.53
CA ALA B 144 -2.93 -6.50 7.70
C ALA B 144 -1.72 -7.20 7.11
N THR B 145 -0.90 -6.44 6.39
CA THR B 145 0.29 -6.98 5.76
C THR B 145 1.11 -7.79 6.76
N LEU B 146 1.61 -8.93 6.31
CA LEU B 146 2.43 -9.76 7.15
C LEU B 146 3.63 -8.94 7.57
N GLY B 147 3.98 -7.98 6.72
CA GLY B 147 5.11 -7.12 7.04
C GLY B 147 4.58 -6.10 8.01
N ASP B 148 3.35 -5.67 7.77
CA ASP B 148 2.67 -4.67 8.59
C ASP B 148 2.84 -4.91 10.08
N LEU B 149 3.29 -6.10 10.45
CA LEU B 149 3.44 -6.42 11.86
C LEU B 149 4.69 -5.83 12.50
N LEU B 150 5.84 -5.96 11.85
CA LEU B 150 7.07 -5.44 12.42
C LEU B 150 6.97 -4.02 13.03
N ASN B 151 6.00 -3.22 12.58
CA ASN B 151 5.83 -1.89 13.14
C ASN B 151 4.86 -2.02 14.31
N LEU B 152 4.87 -3.23 14.87
CA LEU B 152 4.06 -3.61 16.02
C LEU B 152 5.07 -4.00 17.08
N GLN B 153 4.58 -4.23 18.29
CA GLN B 153 5.47 -4.63 19.36
C GLN B 153 4.68 -5.52 20.28
N ILE B 154 5.39 -6.24 21.13
CA ILE B 154 4.79 -7.13 22.10
C ILE B 154 5.22 -6.58 23.45
N TYR B 155 4.25 -6.34 24.32
CA TYR B 155 4.55 -5.77 25.64
C TYR B 155 4.30 -6.73 26.80
N LEU B 156 5.28 -6.87 27.69
CA LEU B 156 5.20 -7.77 28.85
C LEU B 156 5.60 -7.08 30.16
N TYR B 157 4.74 -7.17 31.17
CA TYR B 157 5.02 -6.56 32.47
C TYR B 157 5.12 -7.63 33.53
N ALA B 158 5.92 -7.40 34.56
CA ALA B 158 6.09 -8.38 35.64
C ALA B 158 5.93 -7.79 37.04
N SER B 159 5.34 -8.58 37.94
CA SER B 159 5.17 -8.14 39.31
C SER B 159 6.55 -7.75 39.83
N GLU B 160 7.38 -8.75 40.12
CA GLU B 160 8.74 -8.49 40.61
C GLU B 160 9.72 -8.72 39.48
N ALA B 161 10.83 -7.98 39.52
CA ALA B 161 11.87 -8.08 38.51
C ALA B 161 12.11 -9.55 38.18
N VAL B 162 12.83 -9.78 37.10
CA VAL B 162 13.11 -11.14 36.68
C VAL B 162 14.09 -11.21 35.50
N PRO B 163 14.71 -12.39 35.30
CA PRO B 163 15.68 -12.60 34.21
C PRO B 163 15.11 -12.59 32.81
N ALA B 164 15.99 -12.84 31.85
CA ALA B 164 15.63 -12.88 30.45
C ALA B 164 15.44 -14.36 30.15
N LYS B 165 14.90 -14.65 28.97
CA LYS B 165 14.66 -16.03 28.55
C LYS B 165 13.79 -16.67 29.64
N ALA B 166 13.59 -15.90 30.69
CA ALA B 166 12.80 -16.31 31.85
C ALA B 166 11.40 -16.70 31.40
N VAL B 167 10.97 -16.07 30.31
CA VAL B 167 9.66 -16.36 29.74
C VAL B 167 9.68 -16.32 28.23
N VAL B 168 8.84 -17.15 27.64
CA VAL B 168 8.75 -17.19 26.21
C VAL B 168 7.32 -16.84 25.85
N VAL B 169 7.18 -16.02 24.82
CA VAL B 169 5.88 -15.59 24.36
C VAL B 169 5.64 -16.27 23.01
N HIS B 170 4.44 -16.78 22.80
CA HIS B 170 4.16 -17.47 21.55
C HIS B 170 3.15 -16.81 20.65
N LEU B 171 3.69 -16.15 19.63
CA LEU B 171 2.91 -15.47 18.63
C LEU B 171 2.39 -16.57 17.70
N GLU B 172 1.12 -16.89 17.86
CA GLU B 172 0.46 -17.90 17.06
C GLU B 172 -0.43 -17.11 16.09
N VAL B 173 -0.05 -17.08 14.83
CA VAL B 173 -0.82 -16.31 13.83
C VAL B 173 -1.25 -17.15 12.65
N GLU B 174 -2.31 -16.70 12.00
CA GLU B 174 -2.82 -17.37 10.82
C GLU B 174 -2.91 -16.30 9.72
N HIS B 175 -2.73 -16.74 8.47
CA HIS B 175 -2.72 -15.85 7.31
C HIS B 175 -3.01 -16.67 6.06
N VAL B 176 -1.99 -17.00 5.27
CA VAL B 176 -2.20 -17.80 4.06
C VAL B 176 -0.96 -18.58 3.59
N ARG B 177 -1.15 -19.41 2.57
CA ARG B 177 -0.06 -20.19 1.99
C ARG B 177 0.35 -19.43 0.72
N PRO B 178 1.66 -19.26 0.47
CA PRO B 178 2.11 -18.53 -0.72
C PRO B 178 2.26 -19.27 -2.06
N THR B 179 3.48 -19.25 -2.57
CA THR B 179 3.83 -19.88 -3.83
C THR B 179 5.20 -20.52 -3.75
N PHE B 180 5.64 -20.94 -2.56
CA PHE B 180 6.94 -21.59 -2.47
C PHE B 180 7.02 -23.01 -1.94
N ASP B 181 6.50 -23.28 -0.74
CA ASP B 181 6.54 -24.65 -0.20
C ASP B 181 6.17 -25.55 -1.36
N ASP B 182 5.35 -24.97 -2.22
CA ASP B 182 4.87 -25.61 -3.42
C ASP B 182 5.98 -26.35 -4.16
N PHE B 183 7.15 -25.73 -4.27
CA PHE B 183 8.24 -26.37 -5.00
C PHE B 183 9.64 -25.86 -4.68
N PHE B 184 10.62 -26.53 -5.29
CA PHE B 184 12.02 -26.17 -5.11
C PHE B 184 12.29 -24.95 -5.98
N THR B 185 13.53 -24.81 -6.45
CA THR B 185 13.90 -23.67 -7.28
C THR B 185 14.85 -24.03 -8.41
N PRO B 186 14.95 -23.15 -9.41
CA PRO B 186 15.79 -23.27 -10.60
C PRO B 186 16.94 -24.31 -10.66
N VAL B 187 16.77 -25.32 -11.52
CA VAL B 187 17.78 -26.35 -11.74
C VAL B 187 18.84 -25.56 -12.49
N TYR B 188 18.61 -25.38 -13.80
CA TYR B 188 19.50 -24.58 -14.62
C TYR B 188 18.69 -23.37 -15.08
N ARG B 189 19.14 -22.19 -14.66
CA ARG B 189 18.49 -20.92 -14.98
C ARG B 189 18.16 -20.78 -16.47
N MET C 1 -52.85 22.35 -47.11
CA MET C 1 -52.95 23.03 -45.79
C MET C 1 -51.87 22.53 -44.83
N SER C 2 -51.59 23.30 -43.78
CA SER C 2 -50.57 22.94 -42.80
C SER C 2 -50.73 23.74 -41.50
N THR C 3 -49.98 24.83 -41.40
CA THR C 3 -50.01 25.69 -40.21
C THR C 3 -51.02 26.83 -40.35
N SER C 4 -52.03 26.80 -39.47
CA SER C 4 -53.07 27.83 -39.45
C SER C 4 -53.63 28.04 -40.86
N GLY C 5 -53.57 26.97 -41.67
CA GLY C 5 -54.04 27.02 -43.04
C GLY C 5 -55.57 27.05 -43.10
N THR C 6 -56.17 27.76 -42.15
CA THR C 6 -57.62 27.88 -42.07
C THR C 6 -58.05 29.33 -42.28
N GLY C 7 -58.54 29.64 -43.48
CA GLY C 7 -58.97 30.99 -43.82
C GLY C 7 -60.42 31.00 -44.32
N LYS C 8 -60.75 32.03 -45.09
CA LYS C 8 -62.10 32.18 -45.64
C LYS C 8 -62.05 32.22 -47.17
N MET C 9 -63.16 31.84 -47.80
CA MET C 9 -63.26 31.84 -49.26
C MET C 9 -62.19 30.94 -49.87
N THR C 10 -62.27 30.74 -51.19
CA THR C 10 -61.31 29.90 -51.91
C THR C 10 -59.93 30.55 -52.01
N ARG C 11 -58.93 29.75 -52.34
CA ARG C 11 -57.55 30.21 -52.49
C ARG C 11 -56.64 29.00 -52.70
N ALA C 12 -56.53 28.56 -53.95
CA ALA C 12 -55.70 27.40 -54.29
C ALA C 12 -54.23 27.60 -53.94
N GLN C 13 -53.45 26.53 -54.06
CA GLN C 13 -52.02 26.57 -53.75
C GLN C 13 -51.30 25.32 -54.26
N ARG C 14 -50.13 25.53 -54.86
CA ARG C 14 -49.31 24.45 -55.39
C ARG C 14 -47.84 24.70 -55.05
N ARG C 15 -47.03 23.64 -55.13
CA ARG C 15 -45.60 23.77 -54.82
C ARG C 15 -44.73 23.38 -56.02
N ALA C 16 -43.65 22.66 -55.74
CA ALA C 16 -42.72 22.22 -56.77
C ALA C 16 -42.07 20.89 -56.40
N ALA C 17 -41.66 20.13 -57.41
CA ALA C 17 -41.01 18.83 -57.18
C ALA C 17 -39.52 18.88 -57.48
N ALA C 18 -38.72 18.40 -56.53
CA ALA C 18 -37.27 18.37 -56.66
C ALA C 18 -36.69 17.33 -55.72
N ARG C 19 -35.50 17.60 -55.20
CA ARG C 19 -34.85 16.67 -54.27
C ARG C 19 -34.88 17.25 -52.86
N ARG C 20 -36.07 17.57 -52.38
CA ARG C 20 -36.23 18.14 -51.05
C ARG C 20 -35.26 19.31 -50.88
N ASN C 21 -34.88 19.60 -49.64
CA ASN C 21 -33.95 20.70 -49.38
C ASN C 21 -33.58 20.87 -47.91
N ARG C 22 -34.59 21.01 -47.05
CA ARG C 22 -34.38 21.20 -45.61
C ARG C 22 -33.43 20.15 -45.02
N TRP C 23 -32.91 20.46 -43.84
CA TRP C 23 -32.00 19.54 -43.15
C TRP C 23 -32.69 18.18 -43.00
N THR C 24 -31.91 17.13 -42.77
CA THR C 24 -32.47 15.79 -42.63
C THR C 24 -33.21 15.58 -41.30
N ALA C 25 -32.57 15.97 -40.19
CA ALA C 25 -33.17 15.83 -38.87
C ALA C 25 -33.78 17.16 -38.43
N ARG C 26 -34.69 17.11 -37.47
CA ARG C 26 -35.34 18.32 -37.00
C ARG C 26 -35.00 18.73 -35.56
N VAL C 27 -35.28 20.00 -35.28
CA VAL C 27 -34.99 20.67 -34.02
C VAL C 27 -35.72 20.34 -32.72
N GLN C 28 -35.03 20.68 -31.62
CA GLN C 28 -35.49 20.52 -30.25
C GLN C 28 -35.04 21.76 -29.49
N PRO C 29 -35.96 22.41 -28.77
CA PRO C 29 -35.64 23.62 -28.00
C PRO C 29 -35.36 23.23 -26.57
N VAL C 30 -34.70 24.09 -25.83
CA VAL C 30 -34.40 23.79 -24.45
C VAL C 30 -34.29 25.04 -23.62
N ILE C 31 -34.11 24.85 -22.32
CA ILE C 31 -33.98 25.96 -21.42
C ILE C 31 -33.05 25.62 -20.26
N VAL C 32 -31.82 26.12 -20.35
CA VAL C 32 -30.82 25.89 -19.33
C VAL C 32 -31.29 26.55 -18.05
N GLU C 33 -31.50 25.74 -17.02
CA GLU C 33 -31.93 26.30 -15.75
C GLU C 33 -30.78 26.99 -15.04
N PRO C 34 -31.09 28.06 -14.30
CA PRO C 34 -30.05 28.78 -13.58
C PRO C 34 -29.89 28.11 -12.22
N LEU C 35 -28.69 27.62 -11.96
CA LEU C 35 -28.39 26.93 -10.72
C LEU C 35 -27.67 27.86 -9.76
N ALA C 36 -28.00 27.73 -8.47
CA ALA C 36 -27.39 28.54 -7.43
C ALA C 36 -26.32 27.76 -6.69
N ALA C 37 -25.68 28.42 -5.74
CA ALA C 37 -24.63 27.81 -4.97
C ALA C 37 -25.07 26.50 -4.31
N GLY C 38 -24.16 25.53 -4.29
CA GLY C 38 -24.42 24.25 -3.65
C GLY C 38 -25.43 23.30 -4.25
N GLN C 39 -26.20 23.78 -5.22
CA GLN C 39 -27.20 22.93 -5.86
C GLN C 39 -26.49 21.79 -6.57
N GLY C 40 -25.28 22.10 -7.04
CA GLY C 40 -24.45 21.16 -7.77
C GLY C 40 -24.69 19.67 -7.59
N LYS C 41 -23.62 18.95 -7.28
CA LYS C 41 -23.75 17.51 -7.10
C LYS C 41 -22.61 16.89 -6.28
N ALA C 42 -22.99 16.18 -5.23
CA ALA C 42 -22.03 15.50 -4.34
C ALA C 42 -22.20 13.99 -4.53
N ILE C 43 -21.96 13.54 -5.76
CA ILE C 43 -22.06 12.13 -6.12
C ILE C 43 -21.82 11.22 -4.93
N LYS C 44 -22.70 10.24 -4.75
CA LYS C 44 -22.54 9.32 -3.63
C LYS C 44 -21.39 8.36 -3.93
N ALA C 45 -20.74 7.88 -2.86
CA ALA C 45 -19.61 6.95 -2.98
C ALA C 45 -20.10 5.71 -3.69
N ILE C 46 -19.35 4.62 -3.57
CA ILE C 46 -19.78 3.40 -4.22
C ILE C 46 -20.02 2.26 -3.22
N ALA C 47 -20.03 1.03 -3.75
CA ALA C 47 -20.28 -0.16 -2.97
C ALA C 47 -19.26 -0.39 -1.87
N GLY C 48 -19.74 -0.66 -0.66
CA GLY C 48 -18.85 -0.93 0.47
C GLY C 48 -17.68 0.04 0.55
N TYR C 49 -17.90 1.23 0.02
CA TYR C 49 -16.87 2.24 0.03
C TYR C 49 -17.30 3.41 0.86
N SER C 50 -16.42 3.83 1.76
CA SER C 50 -16.69 4.97 2.61
C SER C 50 -16.00 6.15 1.95
N ILE C 51 -16.40 7.35 2.34
CA ILE C 51 -15.77 8.56 1.83
C ILE C 51 -15.34 9.27 3.09
N SER C 52 -14.05 9.20 3.39
CA SER C 52 -13.57 9.88 4.57
C SER C 52 -13.02 11.21 4.11
N LYS C 53 -13.42 12.27 4.79
CA LYS C 53 -12.95 13.59 4.41
C LYS C 53 -12.40 14.25 5.64
N TRP C 54 -11.77 15.41 5.42
CA TRP C 54 -11.19 16.21 6.48
C TRP C 54 -10.33 17.24 5.79
N GLU C 55 -9.98 18.29 6.51
CA GLU C 55 -9.17 19.36 5.96
C GLU C 55 -7.84 19.57 6.65
N ALA C 56 -7.00 20.37 6.00
CA ALA C 56 -5.69 20.70 6.54
C ALA C 56 -5.49 22.21 6.37
N SER C 57 -5.17 22.88 7.46
CA SER C 57 -4.96 24.33 7.43
C SER C 57 -3.70 24.69 6.65
N SER C 58 -3.79 25.79 5.90
CA SER C 58 -2.67 26.28 5.07
C SER C 58 -1.44 26.77 5.80
N ASP C 59 -0.39 26.93 5.00
CA ASP C 59 0.91 27.41 5.45
C ASP C 59 1.15 28.71 4.71
N ALA C 60 1.79 29.65 5.40
CA ALA C 60 2.09 30.93 4.80
C ALA C 60 2.80 30.71 3.48
N ILE C 61 2.10 31.01 2.39
CA ILE C 61 2.68 30.86 1.07
C ILE C 61 3.28 32.19 0.63
N THR C 62 4.27 32.12 -0.26
CA THR C 62 4.96 33.30 -0.75
C THR C 62 4.53 33.77 -2.14
N ALA C 63 5.19 34.84 -2.60
CA ALA C 63 4.94 35.47 -3.90
C ALA C 63 4.27 34.59 -4.95
N LYS C 64 5.08 33.93 -5.77
CA LYS C 64 4.56 33.07 -6.82
C LYS C 64 4.98 31.64 -6.53
N ALA C 65 5.57 31.45 -5.37
CA ALA C 65 6.05 30.13 -4.97
C ALA C 65 4.91 29.19 -4.69
N THR C 66 5.23 27.89 -4.57
CA THR C 66 4.23 26.87 -4.29
C THR C 66 4.77 25.89 -3.24
N ASN C 67 4.07 25.77 -2.12
CA ASN C 67 4.47 24.87 -1.03
C ASN C 67 3.94 23.46 -1.25
N ALA C 68 4.13 22.60 -0.25
CA ALA C 68 3.66 21.21 -0.31
C ALA C 68 3.44 20.73 1.11
N MET C 69 2.71 19.62 1.28
CA MET C 69 2.45 19.09 2.62
C MET C 69 2.11 17.61 2.61
N SER C 70 3.04 16.78 3.09
CA SER C 70 2.77 15.37 3.13
C SER C 70 1.42 15.31 3.81
N ILE C 71 0.45 14.72 3.15
CA ILE C 71 -0.84 14.66 3.78
C ILE C 71 -0.89 13.42 4.64
N THR C 72 -1.47 13.56 5.82
CA THR C 72 -1.60 12.47 6.74
C THR C 72 -3.06 12.29 7.11
N LEU C 73 -3.39 11.03 7.35
CA LEU C 73 -4.72 10.58 7.71
C LEU C 73 -4.99 10.73 9.19
N PRO C 74 -6.25 10.49 9.61
CA PRO C 74 -6.69 10.58 11.00
C PRO C 74 -6.54 9.22 11.72
N HIS C 75 -6.30 9.27 13.03
CA HIS C 75 -6.11 8.08 13.85
C HIS C 75 -7.00 6.87 13.53
N GLU C 76 -8.29 7.09 13.27
CA GLU C 76 -9.19 5.98 12.98
C GLU C 76 -8.63 5.03 11.93
N LEU C 77 -8.52 5.54 10.71
CA LEU C 77 -8.02 4.77 9.58
C LEU C 77 -6.50 4.58 9.66
N SER C 78 -5.92 5.09 10.73
CA SER C 78 -4.48 4.98 10.96
C SER C 78 -4.17 3.68 11.70
N SER C 79 -4.78 2.58 11.25
CA SER C 79 -4.56 1.27 11.85
C SER C 79 -3.81 0.45 10.82
N GLU C 80 -2.86 -0.36 11.26
CA GLU C 80 -2.10 -1.15 10.30
C GLU C 80 -3.04 -2.06 9.51
N LYS C 81 -4.14 -2.44 10.15
CA LYS C 81 -5.12 -3.28 9.50
C LYS C 81 -5.88 -2.47 8.42
N ASN C 82 -6.07 -1.17 8.68
CA ASN C 82 -6.77 -0.29 7.75
C ASN C 82 -5.80 0.47 6.87
N LYS C 83 -4.55 0.57 7.30
CA LYS C 83 -3.54 1.26 6.54
C LYS C 83 -3.44 0.54 5.20
N GLU C 84 -3.39 -0.78 5.26
CA GLU C 84 -3.31 -1.58 4.06
C GLU C 84 -4.72 -1.75 3.51
N LEU C 85 -5.42 -0.63 3.38
CA LEU C 85 -6.78 -0.61 2.84
C LEU C 85 -6.74 0.03 1.45
N LYS C 86 -7.74 -0.29 0.64
CA LYS C 86 -7.78 0.21 -0.73
C LYS C 86 -8.61 1.46 -0.88
N VAL C 87 -8.24 2.28 -1.86
CA VAL C 87 -8.91 3.55 -2.12
C VAL C 87 -9.62 3.58 -3.46
N GLY C 88 -10.51 4.55 -3.62
CA GLY C 88 -11.24 4.68 -4.87
C GLY C 88 -10.95 6.03 -5.50
N ARG C 89 -11.96 6.58 -6.18
CA ARG C 89 -11.81 7.89 -6.79
C ARG C 89 -11.74 8.85 -5.62
N VAL C 90 -11.04 9.96 -5.80
CA VAL C 90 -10.95 10.91 -4.72
C VAL C 90 -10.76 12.34 -5.20
N LEU C 91 -11.32 13.28 -4.45
CA LEU C 91 -11.24 14.68 -4.81
C LEU C 91 -10.79 15.59 -3.68
N LEU C 92 -10.29 16.75 -4.09
CA LEU C 92 -9.83 17.78 -3.17
C LEU C 92 -10.43 19.09 -3.63
N TRP C 93 -10.84 19.89 -2.67
CA TRP C 93 -11.38 21.19 -2.97
C TRP C 93 -10.92 22.03 -1.81
N LEU C 94 -11.19 23.33 -1.85
CA LEU C 94 -10.68 24.19 -0.79
C LEU C 94 -11.54 25.37 -0.39
N GLY C 95 -11.67 25.54 0.92
CA GLY C 95 -12.42 26.65 1.47
C GLY C 95 -11.37 27.67 1.86
N LEU C 96 -11.60 28.93 1.52
CA LEU C 96 -10.64 29.97 1.83
C LEU C 96 -11.32 31.29 2.15
N LEU C 97 -10.54 32.22 2.70
CA LEU C 97 -11.07 33.53 3.05
C LEU C 97 -11.64 34.26 1.83
N PRO C 98 -12.65 35.12 2.06
CA PRO C 98 -13.30 35.89 0.99
C PRO C 98 -12.32 36.90 0.37
N SER C 99 -11.69 37.68 1.24
CA SER C 99 -10.72 38.68 0.84
C SER C 99 -9.45 37.98 0.39
N VAL C 100 -9.39 37.60 -0.89
CA VAL C 100 -8.23 36.88 -1.42
C VAL C 100 -7.31 37.65 -2.35
N ALA C 101 -6.00 37.50 -2.12
CA ALA C 101 -4.97 38.17 -2.91
C ALA C 101 -4.62 37.39 -4.19
N GLY C 102 -5.14 37.87 -5.31
CA GLY C 102 -4.87 37.22 -6.58
C GLY C 102 -5.61 35.91 -6.68
N ARG C 103 -5.33 35.18 -7.75
CA ARG C 103 -5.95 33.88 -7.99
C ARG C 103 -4.85 32.85 -7.86
N ILE C 104 -5.22 31.62 -7.50
CA ILE C 104 -4.22 30.57 -7.33
C ILE C 104 -4.78 29.16 -7.58
N LYS C 105 -3.89 28.19 -7.70
CA LYS C 105 -4.30 26.81 -7.97
C LYS C 105 -3.61 25.79 -7.04
N ALA C 106 -4.02 24.52 -7.16
CA ALA C 106 -3.47 23.44 -6.32
C ALA C 106 -3.84 22.03 -6.81
N CYS C 107 -2.94 21.07 -6.57
CA CYS C 107 -3.13 19.69 -7.00
C CYS C 107 -2.50 18.66 -6.04
N VAL C 108 -2.10 17.52 -6.61
CA VAL C 108 -1.46 16.46 -5.83
C VAL C 108 -0.86 15.34 -6.70
N ALA C 109 0.39 14.99 -6.40
CA ALA C 109 1.11 13.94 -7.10
C ALA C 109 2.14 13.32 -6.18
N GLU C 110 2.66 12.17 -6.56
CA GLU C 110 3.66 11.45 -5.77
C GLU C 110 4.75 12.36 -5.24
N LYS C 111 5.03 12.27 -3.93
CA LYS C 111 6.06 13.07 -3.27
C LYS C 111 7.05 13.65 -4.29
N GLN C 112 6.60 14.69 -4.98
CA GLN C 112 7.39 15.34 -6.02
C GLN C 112 8.78 15.77 -5.57
N ALA C 113 9.72 15.65 -6.49
CA ALA C 113 11.10 16.06 -6.23
C ALA C 113 11.05 17.56 -6.36
N GLN C 114 10.47 18.01 -7.47
CA GLN C 114 10.31 19.43 -7.74
C GLN C 114 8.87 19.75 -7.35
N ALA C 115 8.71 20.75 -6.49
CA ALA C 115 7.39 21.15 -6.01
C ALA C 115 6.49 21.77 -7.07
N GLU C 116 7.05 22.66 -7.88
CA GLU C 116 6.27 23.33 -8.91
C GLU C 116 5.94 22.36 -10.05
N ALA C 117 6.84 21.41 -10.29
CA ALA C 117 6.69 20.41 -11.35
C ALA C 117 5.38 19.65 -11.28
N ALA C 118 4.81 19.59 -10.08
CA ALA C 118 3.54 18.89 -9.86
C ALA C 118 2.47 19.32 -10.86
N PHE C 119 2.29 20.63 -10.98
CA PHE C 119 1.29 21.20 -11.86
C PHE C 119 1.46 20.88 -13.34
N GLN C 120 2.62 20.34 -13.70
CA GLN C 120 2.89 19.98 -15.08
C GLN C 120 2.40 18.58 -15.37
N VAL C 121 2.03 17.86 -14.32
CA VAL C 121 1.64 16.48 -14.50
C VAL C 121 0.34 15.94 -13.83
N ALA C 122 -0.15 16.56 -12.77
CA ALA C 122 -1.37 16.05 -12.10
C ALA C 122 -2.61 15.93 -12.99
N LEU C 123 -3.40 14.87 -12.78
CA LEU C 123 -4.61 14.62 -13.56
C LEU C 123 -5.60 15.79 -13.56
N ALA C 124 -5.87 16.35 -12.38
CA ALA C 124 -6.79 17.48 -12.25
C ALA C 124 -6.16 18.58 -11.43
N VAL C 125 -6.78 19.75 -11.40
CA VAL C 125 -6.21 20.85 -10.65
C VAL C 125 -7.22 21.89 -10.14
N ALA C 126 -7.33 21.98 -8.82
CA ALA C 126 -8.25 22.94 -8.22
C ALA C 126 -7.79 24.34 -8.60
N ASP C 127 -8.51 24.97 -9.51
CA ASP C 127 -8.17 26.31 -9.94
C ASP C 127 -9.17 27.30 -9.36
N SER C 128 -8.66 28.47 -8.94
CA SER C 128 -9.50 29.53 -8.37
C SER C 128 -10.19 30.28 -9.51
N SER C 129 -9.45 30.48 -10.60
CA SER C 129 -9.99 31.18 -11.75
C SER C 129 -11.22 30.45 -12.27
N LYS C 130 -11.20 29.13 -12.15
CA LYS C 130 -12.31 28.30 -12.61
C LYS C 130 -13.54 28.46 -11.70
N GLU C 131 -14.70 28.03 -12.19
CA GLU C 131 -15.94 28.10 -11.43
C GLU C 131 -15.90 26.98 -10.38
N VAL C 132 -15.18 25.92 -10.72
CA VAL C 132 -15.06 24.79 -9.81
C VAL C 132 -13.68 24.69 -9.21
N VAL C 133 -13.59 25.18 -7.99
CA VAL C 133 -12.34 25.19 -7.23
C VAL C 133 -12.11 23.83 -6.62
N ALA C 134 -11.79 22.86 -7.48
CA ALA C 134 -11.55 21.51 -7.03
C ALA C 134 -11.11 20.63 -8.19
N ALA C 135 -10.51 19.50 -7.85
CA ALA C 135 -10.03 18.54 -8.82
C ALA C 135 -10.54 17.14 -8.50
N MET C 136 -10.89 16.40 -9.55
CA MET C 136 -11.40 15.05 -9.37
C MET C 136 -10.40 13.96 -9.81
N TYR C 137 -9.93 13.21 -8.82
CA TYR C 137 -8.97 12.14 -9.08
C TYR C 137 -9.70 10.80 -9.16
N THR C 138 -10.60 10.77 -10.13
CA THR C 138 -11.41 9.61 -10.45
C THR C 138 -10.48 8.57 -11.04
N ASP C 139 -10.47 7.39 -10.44
CA ASP C 139 -9.63 6.29 -10.91
C ASP C 139 -8.16 6.69 -10.96
N ALA C 140 -7.91 7.98 -10.80
CA ALA C 140 -6.55 8.50 -10.84
C ALA C 140 -5.73 7.81 -9.75
N PHE C 141 -6.39 7.56 -8.63
CA PHE C 141 -5.71 6.93 -7.53
C PHE C 141 -6.45 5.74 -6.99
N ARG C 142 -7.45 5.33 -7.76
CA ARG C 142 -8.25 4.16 -7.44
C ARG C 142 -7.30 2.98 -7.19
N GLY C 143 -7.39 2.40 -6.00
CA GLY C 143 -6.55 1.26 -5.66
C GLY C 143 -5.21 1.71 -5.12
N ALA C 144 -5.05 1.59 -3.80
CA ALA C 144 -3.79 2.01 -3.18
C ALA C 144 -3.79 1.96 -1.65
N THR C 145 -2.71 1.42 -1.11
CA THR C 145 -2.56 1.33 0.33
C THR C 145 -3.11 2.64 0.91
N LEU C 146 -4.11 2.52 1.75
CA LEU C 146 -4.72 3.68 2.39
C LEU C 146 -3.64 4.34 3.24
N GLY C 147 -2.39 3.97 2.96
CA GLY C 147 -1.25 4.51 3.67
C GLY C 147 -0.28 5.02 2.63
N ASP C 148 -0.27 4.35 1.49
CA ASP C 148 0.57 4.69 0.34
C ASP C 148 0.59 6.20 0.22
N LEU C 149 -0.63 6.71 0.14
CA LEU C 149 -0.95 8.12 0.04
C LEU C 149 -0.06 9.00 0.89
N LEU C 150 0.26 8.54 2.09
CA LEU C 150 1.12 9.31 2.97
C LEU C 150 2.30 9.82 2.15
N ASN C 151 3.14 8.92 1.66
CA ASN C 151 4.26 9.36 0.83
C ASN C 151 3.60 9.76 -0.48
N LEU C 152 3.35 11.05 -0.58
CA LEU C 152 2.71 11.70 -1.71
C LEU C 152 2.12 12.98 -1.12
N GLN C 153 2.79 14.11 -1.37
CA GLN C 153 2.36 15.39 -0.86
C GLN C 153 1.32 16.06 -1.77
N ILE C 154 0.90 17.25 -1.37
CA ILE C 154 -0.07 18.04 -2.13
C ILE C 154 0.52 19.42 -2.39
N TYR C 155 0.30 19.94 -3.58
CA TYR C 155 0.90 21.21 -3.95
C TYR C 155 -0.05 22.36 -4.15
N LEU C 156 0.38 23.55 -3.71
CA LEU C 156 -0.41 24.78 -3.79
C LEU C 156 0.44 25.98 -4.22
N TYR C 157 -0.06 26.74 -5.19
CA TYR C 157 0.67 27.90 -5.68
C TYR C 157 -0.19 29.14 -5.49
N ALA C 158 0.45 30.30 -5.32
CA ALA C 158 -0.27 31.56 -5.14
C ALA C 158 0.34 32.67 -5.98
N SER C 159 -0.50 33.51 -6.58
CA SER C 159 -0.01 34.61 -7.40
C SER C 159 0.56 35.68 -6.49
N GLU C 160 -0.17 35.96 -5.41
CA GLU C 160 0.25 36.96 -4.44
C GLU C 160 0.63 36.24 -3.15
N ALA C 161 1.81 36.57 -2.64
CA ALA C 161 2.28 35.97 -1.39
C ALA C 161 1.11 35.96 -0.43
N VAL C 162 1.13 35.06 0.54
CA VAL C 162 0.01 34.99 1.46
C VAL C 162 0.22 34.28 2.80
N PRO C 163 -0.56 34.67 3.82
CA PRO C 163 -0.51 34.12 5.18
C PRO C 163 -0.84 32.64 5.31
N ALA C 164 -0.62 32.13 6.52
CA ALA C 164 -0.89 30.75 6.82
C ALA C 164 -2.32 30.70 7.31
N LYS C 165 -2.86 29.49 7.44
CA LYS C 165 -4.24 29.27 7.88
C LYS C 165 -5.07 30.21 7.02
N ALA C 166 -4.45 30.67 5.94
CA ALA C 166 -5.05 31.57 5.00
C ALA C 166 -6.08 30.82 4.18
N VAL C 167 -6.09 29.50 4.36
CA VAL C 167 -7.02 28.65 3.62
C VAL C 167 -6.87 27.18 3.97
N VAL C 168 -8.00 26.49 3.97
CA VAL C 168 -7.98 25.07 4.25
C VAL C 168 -8.17 24.36 2.93
N VAL C 169 -8.30 23.06 3.02
CA VAL C 169 -8.48 22.24 1.84
C VAL C 169 -9.00 20.91 2.31
N HIS C 170 -10.11 20.49 1.73
CA HIS C 170 -10.68 19.23 2.13
C HIS C 170 -10.35 18.15 1.13
N LEU C 171 -10.40 16.92 1.62
CA LEU C 171 -10.11 15.78 0.78
C LEU C 171 -11.15 14.71 0.99
N GLU C 172 -12.09 14.68 0.07
CA GLU C 172 -13.15 13.70 0.10
C GLU C 172 -12.49 12.52 -0.58
N VAL C 173 -12.31 11.43 0.15
CA VAL C 173 -11.67 10.26 -0.43
C VAL C 173 -12.45 8.96 -0.30
N GLU C 174 -12.56 8.28 -1.43
CA GLU C 174 -13.24 7.01 -1.47
C GLU C 174 -12.24 5.96 -1.03
N HIS C 175 -12.70 5.05 -0.22
CA HIS C 175 -11.88 3.97 0.30
C HIS C 175 -12.84 2.95 0.85
N VAL C 176 -12.42 1.70 0.86
CA VAL C 176 -13.27 0.62 1.36
C VAL C 176 -13.67 0.89 2.81
N ARG C 177 -14.95 0.72 3.08
CA ARG C 177 -15.48 0.94 4.42
C ARG C 177 -14.87 -0.09 5.37
N PRO C 178 -14.48 0.35 6.58
CA PRO C 178 -13.88 -0.60 7.52
C PRO C 178 -14.96 -1.43 8.22
N THR C 179 -14.61 -2.04 9.34
CA THR C 179 -15.54 -2.87 10.08
C THR C 179 -15.90 -2.30 11.46
N PHE C 180 -15.08 -1.37 11.97
CA PHE C 180 -15.31 -0.75 13.26
C PHE C 180 -16.72 -0.13 13.32
N ASP C 181 -17.06 0.63 12.29
CA ASP C 181 -18.36 1.31 12.18
C ASP C 181 -19.51 0.55 12.83
N ASP C 182 -19.47 -0.77 12.72
CA ASP C 182 -20.49 -1.63 13.26
C ASP C 182 -20.21 -2.08 14.69
N PHE C 183 -20.28 -3.39 14.91
CA PHE C 183 -20.06 -4.03 16.21
C PHE C 183 -19.26 -3.28 17.30
N PHE C 184 -19.61 -3.56 18.55
CA PHE C 184 -18.97 -2.97 19.72
C PHE C 184 -17.60 -3.59 19.96
N THR C 185 -17.34 -3.84 21.24
CA THR C 185 -16.06 -4.40 21.66
C THR C 185 -16.16 -5.61 22.58
N PRO C 186 -15.23 -6.57 22.44
CA PRO C 186 -15.24 -7.76 23.29
C PRO C 186 -15.23 -7.36 24.75
N VAL C 187 -16.31 -7.68 25.45
CA VAL C 187 -16.42 -7.37 26.86
C VAL C 187 -15.28 -8.07 27.60
N TYR C 188 -14.99 -9.30 27.14
CA TYR C 188 -13.93 -10.14 27.71
C TYR C 188 -12.60 -9.76 27.09
N ARG C 189 -11.76 -9.14 27.89
CA ARG C 189 -10.45 -8.72 27.43
C ARG C 189 -9.39 -9.38 28.30
MG MG D . 33.52 -25.25 -19.33
O1 P6G E . -32.81 -27.17 22.45
C2 P6G E . -31.85 -27.60 23.41
C3 P6G E . -31.16 -26.45 24.16
O4 P6G E . -30.22 -26.96 25.16
C5 P6G E . -29.53 -25.93 25.91
C6 P6G E . -28.60 -26.67 26.88
O7 P6G E . -27.95 -25.62 27.62
C8 P6G E . -27.00 -26.02 28.63
C9 P6G E . -26.44 -24.77 29.28
O10 P6G E . -25.48 -25.21 30.28
C11 P6G E . -24.91 -24.06 30.92
C12 P6G E . -23.91 -24.45 31.98
O13 P6G E . -23.45 -23.21 32.52
C14 P6G E . -22.48 -23.43 33.59
C15 P6G E . -21.91 -22.10 34.02
O16 P6G E . -20.94 -22.23 35.14
C17 P6G E . -20.36 -21.00 35.58
C18 P6G E . -19.42 -21.40 36.72
O19 P6G E . -18.80 -20.23 37.19
MG MG F . 1.57 -2.63 1.11
#